data_8UI2
#
_entry.id   8UI2
#
_cell.length_a   1.00
_cell.length_b   1.00
_cell.length_c   1.00
_cell.angle_alpha   90.00
_cell.angle_beta   90.00
_cell.angle_gamma   90.00
#
_symmetry.space_group_name_H-M   'P 1'
#
loop_
_entity.id
_entity.type
_entity.pdbx_description
1 polymer T33-ml28-redesigned-tandem-BMC-T-fold
2 polymer T33-ml28-redesigned-CutA-fold
#
loop_
_entity_poly.entity_id
_entity_poly.type
_entity_poly.pdbx_seq_one_letter_code
_entity_poly.pdbx_strand_id
1 'polypeptide(L)'
;MHHHHHHGGSHHWGGDPARPALGVLELKSYALGVAVADAALRAAPVELLKCEPVEPGKALIMIRGEPEAVARAMAAALET
AKAGSGNLIDHAFIGRIHPALLPFLLEETAAPPIEDPDEAVLVVETKTVAAAIEAADAALDVAPVRLLRMRLSEHIGGKA
YFVLAGDEEAVRKAARAVRAVAGEKLIDLRIIPRPHEALRGRLFF
;
A
2 'polypeptide(L)'
;MPIALTVVPPEEAEPLARELVEAGLAAEVLLVPVRRIYREKGKVREEEVTLLLILVSREGVPALRAWIEARHPDDIPLFI
VLAVDEEASNKRYLGYIAAETHLYSA
;
B
#
# COMPACT_ATOMS: atom_id res chain seq x y z
N ALA A 18 -9.66 -4.84 13.95
CA ALA A 18 -9.61 -3.39 13.79
C ALA A 18 -8.58 -3.00 12.74
N ARG A 19 -7.43 -3.66 12.75
CA ARG A 19 -6.34 -3.40 11.81
C ARG A 19 -5.87 -4.70 11.18
N PRO A 20 -6.68 -5.28 10.26
CA PRO A 20 -6.21 -6.46 9.52
C PRO A 20 -5.50 -6.07 8.24
N ALA A 21 -5.08 -7.08 7.46
CA ALA A 21 -4.47 -6.83 6.16
C ALA A 21 -5.54 -6.73 5.08
N LEU A 22 -5.21 -6.02 4.01
CA LEU A 22 -6.14 -5.81 2.90
C LEU A 22 -5.42 -5.99 1.57
N GLY A 23 -6.11 -6.58 0.60
CA GLY A 23 -5.59 -6.74 -0.74
C GLY A 23 -6.60 -6.37 -1.81
N VAL A 24 -6.18 -5.60 -2.81
CA VAL A 24 -7.06 -5.05 -3.83
C VAL A 24 -6.52 -5.42 -5.21
N LEU A 25 -7.43 -5.83 -6.10
CA LEU A 25 -7.07 -6.11 -7.49
C LEU A 25 -8.13 -5.52 -8.42
N GLU A 26 -7.68 -4.97 -9.54
CA GLU A 26 -8.58 -4.45 -10.57
C GLU A 26 -8.25 -5.10 -11.90
N LEU A 27 -9.27 -5.56 -12.60
CA LEU A 27 -9.11 -6.28 -13.86
C LEU A 27 -10.11 -5.74 -14.88
N LYS A 28 -9.75 -5.89 -16.16
CA LYS A 28 -10.60 -5.39 -17.23
C LYS A 28 -11.80 -6.29 -17.50
N SER A 29 -11.76 -7.55 -17.07
CA SER A 29 -12.79 -8.52 -17.38
C SER A 29 -13.41 -9.06 -16.11
N TYR A 30 -14.74 -9.19 -16.10
CA TYR A 30 -15.42 -9.83 -14.98
C TYR A 30 -15.24 -11.34 -14.99
N ALA A 31 -15.14 -11.95 -16.18
CA ALA A 31 -14.92 -13.39 -16.26
C ALA A 31 -13.57 -13.77 -15.67
N LEU A 32 -12.52 -13.01 -16.00
CA LEU A 32 -11.22 -13.23 -15.38
C LEU A 32 -11.23 -12.84 -13.91
N GLY A 33 -12.12 -11.92 -13.53
CA GLY A 33 -12.25 -11.57 -12.13
C GLY A 33 -12.74 -12.73 -11.28
N VAL A 34 -13.70 -13.49 -11.80
CA VAL A 34 -14.20 -14.65 -11.07
C VAL A 34 -13.13 -15.73 -10.98
N ALA A 35 -12.36 -15.91 -12.06
CA ALA A 35 -11.26 -16.88 -12.02
C ALA A 35 -10.20 -16.46 -11.01
N VAL A 36 -9.84 -15.18 -10.99
CA VAL A 36 -8.81 -14.68 -10.07
C VAL A 36 -9.29 -14.81 -8.62
N ALA A 37 -10.55 -14.48 -8.36
CA ALA A 37 -11.08 -14.58 -7.01
C ALA A 37 -11.08 -16.03 -6.51
N ASP A 38 -11.39 -16.98 -7.40
CA ASP A 38 -11.39 -18.37 -7.00
C ASP A 38 -9.99 -18.85 -6.62
N ALA A 39 -8.98 -18.45 -7.40
CA ALA A 39 -7.61 -18.82 -7.10
C ALA A 39 -7.15 -18.24 -5.76
N ALA A 40 -7.48 -16.97 -5.52
CA ALA A 40 -7.10 -16.34 -4.25
C ALA A 40 -7.75 -17.04 -3.06
N LEU A 41 -9.03 -17.38 -3.18
CA LEU A 41 -9.73 -18.02 -2.07
C LEU A 41 -9.17 -19.41 -1.79
N ARG A 42 -8.75 -20.12 -2.83
CA ARG A 42 -8.23 -21.48 -2.64
C ARG A 42 -6.85 -21.46 -1.99
N ALA A 43 -6.07 -20.40 -2.21
CA ALA A 43 -4.68 -20.42 -1.77
C ALA A 43 -4.56 -20.27 -0.25
N ALA A 44 -5.31 -19.36 0.34
CA ALA A 44 -5.17 -19.04 1.75
C ALA A 44 -6.54 -18.80 2.37
N PRO A 45 -6.66 -18.96 3.70
CA PRO A 45 -7.94 -18.70 4.39
C PRO A 45 -8.23 -17.21 4.62
N VAL A 46 -8.75 -16.56 3.58
CA VAL A 46 -9.08 -15.15 3.65
C VAL A 46 -10.59 -14.96 3.56
N GLU A 47 -11.04 -13.72 3.70
CA GLU A 47 -12.45 -13.37 3.60
C GLU A 47 -12.66 -12.45 2.41
N LEU A 48 -13.56 -12.84 1.51
CA LEU A 48 -13.82 -12.07 0.30
C LEU A 48 -14.73 -10.90 0.63
N LEU A 49 -14.20 -9.68 0.49
CA LEU A 49 -14.97 -8.47 0.78
C LEU A 49 -15.72 -7.94 -0.43
N LYS A 50 -15.27 -8.26 -1.65
CA LYS A 50 -15.82 -7.64 -2.84
C LYS A 50 -15.46 -8.48 -4.05
N CYS A 51 -16.44 -8.73 -4.93
CA CYS A 51 -16.18 -9.28 -6.26
C CYS A 51 -17.38 -8.89 -7.11
N GLU A 52 -17.22 -7.83 -7.91
CA GLU A 52 -18.34 -7.26 -8.64
C GLU A 52 -17.81 -6.45 -9.81
N PRO A 53 -18.63 -6.23 -10.84
CA PRO A 53 -18.24 -5.30 -11.90
C PRO A 53 -18.55 -3.86 -11.50
N VAL A 54 -17.63 -2.96 -11.84
CA VAL A 54 -17.77 -1.55 -11.54
C VAL A 54 -17.52 -0.75 -12.82
N GLU A 55 -17.85 0.54 -12.75
CA GLU A 55 -17.64 1.43 -13.88
C GLU A 55 -16.15 1.64 -14.13
N PRO A 56 -15.74 1.79 -15.39
CA PRO A 56 -16.54 1.73 -16.62
C PRO A 56 -16.47 0.37 -17.30
N GLY A 57 -16.62 -0.72 -16.55
CA GLY A 57 -16.45 -2.04 -17.11
C GLY A 57 -15.25 -2.77 -16.56
N LYS A 58 -14.96 -2.55 -15.28
CA LYS A 58 -13.85 -3.20 -14.60
C LYS A 58 -14.38 -4.30 -13.69
N ALA A 59 -13.47 -4.91 -12.95
CA ALA A 59 -13.80 -5.82 -11.87
C ALA A 59 -12.96 -5.47 -10.64
N LEU A 60 -13.60 -5.45 -9.48
CA LEU A 60 -12.94 -5.09 -8.23
C LEU A 60 -13.01 -6.27 -7.28
N ILE A 61 -11.86 -6.65 -6.71
CA ILE A 61 -11.75 -7.75 -5.77
C ILE A 61 -11.06 -7.23 -4.52
N MET A 62 -11.63 -7.54 -3.35
CA MET A 62 -11.07 -7.14 -2.08
C MET A 62 -11.10 -8.32 -1.12
N ILE A 63 -10.02 -8.51 -0.38
CA ILE A 63 -9.92 -9.57 0.62
C ILE A 63 -9.35 -9.00 1.91
N ARG A 64 -9.51 -9.76 2.99
CA ARG A 64 -8.96 -9.35 4.28
C ARG A 64 -8.65 -10.58 5.11
N GLY A 65 -7.80 -10.38 6.11
CA GLY A 65 -7.41 -11.47 6.99
C GLY A 65 -6.13 -11.17 7.74
N GLU A 66 -5.25 -12.17 7.87
CA GLU A 66 -3.94 -12.02 8.48
C GLU A 66 -2.91 -11.64 7.42
N PRO A 67 -1.87 -10.91 7.79
CA PRO A 67 -0.90 -10.43 6.79
C PRO A 67 -0.26 -11.53 5.97
N GLU A 68 0.07 -12.67 6.58
CA GLU A 68 0.72 -13.74 5.84
C GLU A 68 -0.26 -14.46 4.93
N ALA A 69 -1.50 -14.67 5.38
CA ALA A 69 -2.51 -15.31 4.54
C ALA A 69 -2.88 -14.43 3.36
N VAL A 70 -3.04 -13.12 3.60
CA VAL A 70 -3.41 -12.21 2.52
C VAL A 70 -2.29 -12.08 1.51
N ALA A 71 -1.03 -12.08 1.98
CA ALA A 71 0.09 -12.05 1.05
C ALA A 71 0.13 -13.32 0.20
N ARG A 72 -0.17 -14.47 0.79
CA ARG A 72 -0.22 -15.72 0.03
C ARG A 72 -1.30 -15.68 -1.04
N ALA A 73 -2.48 -15.18 -0.67
CA ALA A 73 -3.59 -15.10 -1.63
C ALA A 73 -3.28 -14.12 -2.75
N MET A 74 -2.66 -12.98 -2.43
CA MET A 74 -2.33 -11.99 -3.46
C MET A 74 -1.34 -12.55 -4.47
N ALA A 75 -0.37 -13.32 -4.01
CA ALA A 75 0.60 -13.94 -4.92
C ALA A 75 -0.10 -14.90 -5.88
N ALA A 76 -1.01 -15.73 -5.35
CA ALA A 76 -1.71 -16.68 -6.19
C ALA A 76 -2.62 -15.98 -7.20
N ALA A 77 -3.30 -14.92 -6.76
CA ALA A 77 -4.19 -14.19 -7.66
C ALA A 77 -3.41 -13.52 -8.79
N LEU A 78 -2.21 -13.00 -8.48
CA LEU A 78 -1.40 -12.37 -9.52
C LEU A 78 -0.92 -13.39 -10.55
N GLU A 79 -0.72 -14.64 -10.12
CA GLU A 79 -0.33 -15.68 -11.06
C GLU A 79 -1.42 -15.94 -12.09
N THR A 80 -2.68 -15.96 -11.64
CA THR A 80 -3.79 -16.24 -12.56
C THR A 80 -4.01 -15.09 -13.53
N ALA A 81 -3.81 -13.85 -13.08
CA ALA A 81 -4.04 -12.69 -13.93
C ALA A 81 -3.10 -12.62 -15.13
N LYS A 82 -2.00 -13.37 -15.12
CA LYS A 82 -1.10 -13.40 -16.26
C LYS A 82 -1.72 -14.09 -17.47
N ALA A 83 -2.80 -14.85 -17.27
CA ALA A 83 -3.52 -15.44 -18.39
C ALA A 83 -4.11 -14.36 -19.29
N GLY A 84 -4.68 -13.31 -18.69
CA GLY A 84 -5.16 -12.19 -19.43
C GLY A 84 -4.05 -11.20 -19.74
N SER A 85 -3.64 -11.13 -21.00
CA SER A 85 -2.52 -10.28 -21.41
C SER A 85 -2.91 -8.82 -21.29
N GLY A 86 -2.36 -8.13 -20.30
CA GLY A 86 -2.68 -6.74 -20.07
C GLY A 86 -3.98 -6.48 -19.37
N ASN A 87 -4.56 -7.51 -18.73
CA ASN A 87 -5.85 -7.35 -18.08
C ASN A 87 -5.75 -6.77 -16.68
N LEU A 88 -4.56 -6.69 -16.10
CA LEU A 88 -4.40 -6.14 -14.77
C LEU A 88 -4.23 -4.62 -14.84
N ILE A 89 -5.06 -3.90 -14.10
CA ILE A 89 -5.05 -2.45 -14.10
C ILE A 89 -4.27 -1.90 -12.90
N ASP A 90 -4.55 -2.41 -11.71
CA ASP A 90 -3.87 -1.96 -10.50
C ASP A 90 -3.98 -3.05 -9.44
N HIS A 91 -3.12 -2.96 -8.45
CA HIS A 91 -3.21 -3.81 -7.28
C HIS A 91 -2.47 -3.16 -6.13
N ALA A 92 -2.82 -3.57 -4.91
CA ALA A 92 -2.19 -3.03 -3.71
C ALA A 92 -2.35 -4.05 -2.60
N PHE A 93 -1.50 -3.92 -1.59
CA PHE A 93 -1.57 -4.80 -0.42
C PHE A 93 -1.04 -4.04 0.78
N ILE A 94 -1.90 -3.89 1.79
CA ILE A 94 -1.58 -3.14 3.00
C ILE A 94 -1.51 -4.12 4.16
N GLY A 95 -0.38 -4.13 4.87
CA GLY A 95 -0.18 -5.07 5.95
C GLY A 95 -0.98 -4.78 7.19
N ARG A 96 -1.38 -3.53 7.40
CA ARG A 96 -2.17 -3.15 8.57
C ARG A 96 -2.96 -1.91 8.20
N ILE A 97 -4.27 -2.08 7.97
CA ILE A 97 -5.09 -0.96 7.54
C ILE A 97 -5.36 -0.04 8.73
N HIS A 98 -5.61 1.24 8.44
CA HIS A 98 -5.97 2.18 9.47
C HIS A 98 -7.36 1.86 10.01
N PRO A 99 -7.59 2.08 11.30
CA PRO A 99 -8.93 1.82 11.86
C PRO A 99 -10.02 2.67 11.22
N ALA A 100 -9.69 3.87 10.74
CA ALA A 100 -10.68 4.75 10.13
C ALA A 100 -11.08 4.30 8.72
N LEU A 101 -10.28 3.47 8.07
CA LEU A 101 -10.60 3.03 6.72
C LEU A 101 -11.71 1.98 6.71
N LEU A 102 -11.74 1.12 7.73
CA LEU A 102 -12.61 -0.05 7.69
C LEU A 102 -14.09 0.27 7.55
N PRO A 103 -14.67 1.20 8.32
CA PRO A 103 -16.12 1.47 8.16
C PRO A 103 -16.52 1.86 6.75
N PHE A 104 -15.65 2.56 6.01
CA PHE A 104 -15.99 2.95 4.65
C PHE A 104 -15.86 1.78 3.68
N LEU A 105 -14.95 0.84 3.95
CA LEU A 105 -14.81 -0.32 3.09
C LEU A 105 -15.91 -1.34 3.34
N LEU A 106 -16.33 -1.50 4.60
CA LEU A 106 -17.38 -2.43 4.95
C LEU A 106 -18.78 -1.94 4.57
N GLU A 107 -18.90 -0.69 4.11
CA GLU A 107 -20.11 -0.05 3.63
C GLU A 107 -21.07 0.31 4.76
N GLU A 108 -20.80 -0.07 6.00
CA GLU A 108 -21.64 0.26 7.14
C GLU A 108 -20.96 1.40 7.90
N THR A 109 -21.40 2.62 7.64
CA THR A 109 -20.76 3.80 8.21
C THR A 109 -21.82 4.87 8.47
N ALA A 110 -21.43 5.86 9.28
CA ALA A 110 -22.30 6.97 9.63
C ALA A 110 -21.59 8.28 9.34
N ALA A 111 -22.37 9.32 9.13
CA ALA A 111 -21.80 10.63 8.80
C ALA A 111 -21.05 11.18 10.00
N PRO A 112 -19.77 11.50 9.87
CA PRO A 112 -19.03 12.03 11.02
C PRO A 112 -19.57 13.38 11.43
N PRO A 113 -19.51 13.70 12.73
CA PRO A 113 -20.00 15.00 13.19
C PRO A 113 -19.05 16.13 12.78
N ILE A 114 -19.59 17.35 12.85
CA ILE A 114 -18.80 18.56 12.56
C ILE A 114 -18.18 18.99 13.88
N GLU A 115 -17.03 18.38 14.21
CA GLU A 115 -16.39 18.64 15.48
C GLU A 115 -15.74 20.02 15.52
N ASP A 116 -15.41 20.59 14.36
CA ASP A 116 -14.80 21.91 14.32
C ASP A 116 -15.14 22.61 13.01
N PRO A 117 -15.93 23.69 13.05
CA PRO A 117 -16.25 24.41 11.81
C PRO A 117 -15.05 25.08 11.16
N ASP A 118 -13.95 25.28 11.89
CA ASP A 118 -12.77 25.95 11.35
C ASP A 118 -11.85 25.00 10.60
N GLU A 119 -12.18 23.71 10.53
CA GLU A 119 -11.35 22.75 9.81
C GLU A 119 -11.36 23.03 8.32
N ALA A 120 -10.23 22.83 7.68
CA ALA A 120 -10.13 22.85 6.23
C ALA A 120 -10.43 21.45 5.67
N VAL A 121 -10.68 21.39 4.37
CA VAL A 121 -10.96 20.13 3.70
C VAL A 121 -10.00 19.94 2.55
N LEU A 122 -9.71 18.69 2.24
CA LEU A 122 -8.89 18.30 1.10
C LEU A 122 -9.68 17.29 0.27
N VAL A 123 -9.90 17.61 -1.00
CA VAL A 123 -10.65 16.75 -1.91
C VAL A 123 -9.66 16.14 -2.90
N VAL A 124 -9.63 14.82 -2.97
CA VAL A 124 -8.68 14.08 -3.81
C VAL A 124 -9.48 13.12 -4.68
N GLU A 125 -9.14 13.06 -5.96
CA GLU A 125 -9.72 12.07 -6.86
C GLU A 125 -8.63 11.40 -7.69
N THR A 126 -8.74 10.08 -7.84
CA THR A 126 -7.76 9.25 -8.50
C THR A 126 -8.43 8.41 -9.58
N LYS A 127 -7.61 7.82 -10.45
CA LYS A 127 -8.14 6.99 -11.53
C LYS A 127 -8.58 5.62 -11.05
N THR A 128 -7.87 5.04 -10.08
CA THR A 128 -8.10 3.66 -9.66
C THR A 128 -8.49 3.61 -8.19
N VAL A 129 -9.14 2.51 -7.81
CA VAL A 129 -9.53 2.31 -6.42
C VAL A 129 -8.31 2.02 -5.55
N ALA A 130 -7.36 1.25 -6.07
CA ALA A 130 -6.19 0.88 -5.29
C ALA A 130 -5.36 2.10 -4.92
N ALA A 131 -5.20 3.04 -5.85
CA ALA A 131 -4.46 4.27 -5.57
C ALA A 131 -5.14 5.09 -4.50
N ALA A 132 -6.48 5.11 -4.49
CA ALA A 132 -7.21 5.89 -3.50
C ALA A 132 -7.06 5.31 -2.11
N ILE A 133 -7.15 3.99 -1.98
CA ILE A 133 -7.03 3.37 -0.67
C ILE A 133 -5.61 3.51 -0.13
N GLU A 134 -4.61 3.37 -1.00
CA GLU A 134 -3.22 3.53 -0.56
C GLU A 134 -2.94 4.96 -0.13
N ALA A 135 -3.37 5.94 -0.92
CA ALA A 135 -3.12 7.34 -0.59
C ALA A 135 -3.84 7.75 0.69
N ALA A 136 -5.07 7.26 0.88
CA ALA A 136 -5.81 7.59 2.09
C ALA A 136 -5.15 6.99 3.32
N ASP A 137 -4.68 5.75 3.23
CA ASP A 137 -4.02 5.11 4.38
C ASP A 137 -2.72 5.82 4.73
N ALA A 138 -1.94 6.21 3.72
CA ALA A 138 -0.70 6.92 3.97
C ALA A 138 -0.96 8.28 4.62
N ALA A 139 -1.93 9.02 4.08
CA ALA A 139 -2.23 10.35 4.61
C ALA A 139 -2.73 10.28 6.05
N LEU A 140 -3.55 9.26 6.36
CA LEU A 140 -4.07 9.13 7.70
C LEU A 140 -2.99 8.75 8.70
N ASP A 141 -1.99 7.98 8.26
CA ASP A 141 -0.91 7.56 9.15
C ASP A 141 0.08 8.69 9.42
N VAL A 142 0.21 9.64 8.49
CA VAL A 142 1.25 10.66 8.59
C VAL A 142 0.76 11.89 9.35
N ALA A 143 -0.28 12.54 8.84
CA ALA A 143 -0.79 13.78 9.40
C ALA A 143 -2.00 13.51 10.29
N PRO A 144 -2.27 14.40 11.25
CA PRO A 144 -3.48 14.27 12.09
C PRO A 144 -4.73 14.83 11.40
N VAL A 145 -5.35 14.00 10.57
CA VAL A 145 -6.52 14.38 9.78
C VAL A 145 -7.62 13.33 10.00
N ARG A 146 -8.80 13.64 9.49
CA ARG A 146 -9.98 12.78 9.60
C ARG A 146 -10.51 12.48 8.21
N LEU A 147 -11.09 11.29 8.07
CA LEU A 147 -11.72 10.87 6.82
C LEU A 147 -13.21 11.14 6.91
N LEU A 148 -13.71 11.99 6.02
CA LEU A 148 -15.13 12.33 6.01
C LEU A 148 -15.92 11.49 5.01
N ARG A 149 -15.39 11.31 3.80
CA ARG A 149 -16.11 10.62 2.75
C ARG A 149 -15.14 9.75 1.95
N MET A 150 -15.65 8.68 1.38
CA MET A 150 -14.84 7.74 0.59
C MET A 150 -15.76 6.99 -0.36
N ARG A 151 -15.68 7.32 -1.65
CA ARG A 151 -16.52 6.69 -2.68
C ARG A 151 -15.64 5.96 -3.67
N LEU A 152 -15.99 4.70 -3.95
CA LEU A 152 -15.15 3.80 -4.72
C LEU A 152 -15.84 3.41 -6.02
N SER A 153 -15.67 4.23 -7.06
CA SER A 153 -16.07 3.91 -8.42
C SER A 153 -17.56 3.54 -8.51
N GLU A 154 -18.40 4.52 -8.19
CA GLU A 154 -19.85 4.32 -8.15
C GLU A 154 -20.54 5.37 -9.02
N HIS A 155 -20.72 5.03 -10.30
CA HIS A 155 -21.44 5.87 -11.26
C HIS A 155 -20.82 7.27 -11.38
N ILE A 156 -19.49 7.33 -11.38
CA ILE A 156 -18.79 8.59 -11.57
C ILE A 156 -17.76 8.44 -12.68
N GLY A 157 -18.02 7.53 -13.61
CA GLY A 157 -17.13 7.32 -14.73
C GLY A 157 -15.87 6.56 -14.41
N GLY A 158 -15.87 5.78 -13.33
CA GLY A 158 -14.73 4.95 -12.99
C GLY A 158 -13.73 5.57 -12.04
N LYS A 159 -13.87 6.85 -11.73
CA LYS A 159 -12.96 7.51 -10.80
C LYS A 159 -13.35 7.17 -9.36
N ALA A 160 -12.44 7.49 -8.44
CA ALA A 160 -12.70 7.36 -7.01
C ALA A 160 -12.26 8.65 -6.33
N TYR A 161 -12.88 8.96 -5.20
CA TYR A 161 -12.54 10.19 -4.49
C TYR A 161 -12.79 10.02 -3.00
N PHE A 162 -12.13 10.87 -2.22
CA PHE A 162 -12.32 10.91 -0.77
C PHE A 162 -12.06 12.32 -0.29
N VAL A 163 -12.49 12.60 0.95
CA VAL A 163 -12.38 13.92 1.54
C VAL A 163 -11.76 13.78 2.93
N LEU A 164 -10.76 14.62 3.22
CA LEU A 164 -10.09 14.65 4.52
C LEU A 164 -10.31 16.00 5.18
N ALA A 165 -10.31 16.02 6.51
CA ALA A 165 -10.57 17.23 7.27
C ALA A 165 -9.54 17.40 8.39
N GLY A 166 -9.19 18.64 8.66
CA GLY A 166 -8.25 18.94 9.72
C GLY A 166 -7.83 20.40 9.65
N ASP A 167 -6.77 20.71 10.40
CA ASP A 167 -6.22 22.06 10.38
C ASP A 167 -5.62 22.35 9.01
N GLU A 168 -5.19 23.60 8.83
CA GLU A 168 -4.59 23.98 7.55
C GLU A 168 -3.22 23.37 7.37
N GLU A 169 -2.38 23.43 8.41
CA GLU A 169 -1.04 22.85 8.33
C GLU A 169 -1.11 21.34 8.17
N ALA A 170 -2.00 20.68 8.91
CA ALA A 170 -2.13 19.23 8.80
C ALA A 170 -2.59 18.82 7.41
N VAL A 171 -3.52 19.59 6.83
CA VAL A 171 -4.07 19.22 5.53
C VAL A 171 -3.03 19.38 4.43
N ARG A 172 -2.19 20.41 4.51
CA ARG A 172 -1.15 20.57 3.49
C ARG A 172 -0.05 19.53 3.63
N LYS A 173 0.22 19.10 4.87
CA LYS A 173 1.14 17.99 5.07
C LYS A 173 0.62 16.71 4.43
N ALA A 174 -0.68 16.43 4.61
CA ALA A 174 -1.28 15.24 4.02
C ALA A 174 -1.39 15.35 2.51
N ALA A 175 -1.50 16.57 1.98
CA ALA A 175 -1.50 16.74 0.53
C ALA A 175 -0.16 16.34 -0.06
N ARG A 176 0.94 16.62 0.65
CA ARG A 176 2.26 16.19 0.19
C ARG A 176 2.35 14.67 0.15
N ALA A 177 1.87 14.01 1.19
CA ALA A 177 1.88 12.54 1.20
C ALA A 177 1.00 11.96 0.11
N VAL A 178 -0.17 12.55 -0.11
CA VAL A 178 -1.09 12.03 -1.13
C VAL A 178 -0.49 12.15 -2.52
N ARG A 179 0.16 13.28 -2.80
CA ARG A 179 0.76 13.47 -4.12
C ARG A 179 1.86 12.46 -4.38
N ALA A 180 2.65 12.13 -3.36
CA ALA A 180 3.74 11.18 -3.54
C ALA A 180 3.21 9.77 -3.78
N VAL A 181 2.25 9.32 -2.95
CA VAL A 181 1.76 7.95 -3.04
C VAL A 181 0.99 7.74 -4.34
N ALA A 182 0.07 8.66 -4.67
CA ALA A 182 -0.79 8.47 -5.82
C ALA A 182 0.01 8.48 -7.12
N GLY A 183 0.98 9.36 -7.24
CA GLY A 183 1.82 9.38 -8.42
C GLY A 183 1.06 9.87 -9.64
N GLU A 184 1.16 9.13 -10.73
CA GLU A 184 0.54 9.48 -12.00
C GLU A 184 -0.93 9.11 -12.08
N LYS A 185 -1.47 8.45 -11.05
CA LYS A 185 -2.88 8.12 -11.00
C LYS A 185 -3.72 9.19 -10.33
N LEU A 186 -3.12 10.31 -9.94
CA LEU A 186 -3.87 11.42 -9.39
C LEU A 186 -4.51 12.23 -10.51
N ILE A 187 -5.77 12.57 -10.33
CA ILE A 187 -6.52 13.38 -11.29
C ILE A 187 -6.55 14.84 -10.88
N ASP A 188 -6.92 15.11 -9.62
CA ASP A 188 -6.93 16.48 -9.13
C ASP A 188 -6.82 16.46 -7.61
N LEU A 189 -6.42 17.61 -7.06
CA LEU A 189 -6.24 17.77 -5.62
C LEU A 189 -6.50 19.24 -5.30
N ARG A 190 -7.39 19.49 -4.34
CA ARG A 190 -7.79 20.85 -4.01
C ARG A 190 -7.93 20.98 -2.50
N ILE A 191 -7.51 22.13 -1.98
CA ILE A 191 -7.63 22.46 -0.56
C ILE A 191 -8.53 23.68 -0.43
N ILE A 192 -9.58 23.56 0.36
CA ILE A 192 -10.54 24.63 0.59
C ILE A 192 -10.38 25.10 2.04
N PRO A 193 -9.90 26.32 2.28
CA PRO A 193 -9.50 26.70 3.64
C PRO A 193 -10.66 26.83 4.62
N ARG A 194 -11.80 27.33 4.18
CA ARG A 194 -12.97 27.50 5.06
C ARG A 194 -14.22 27.26 4.23
N PRO A 195 -14.77 26.05 4.27
CA PRO A 195 -15.99 25.77 3.51
C PRO A 195 -17.17 26.59 4.02
N HIS A 196 -18.07 26.92 3.09
CA HIS A 196 -19.30 27.63 3.44
C HIS A 196 -20.23 26.72 4.21
N GLU A 197 -21.20 27.34 4.89
CA GLU A 197 -22.17 26.56 5.66
C GLU A 197 -23.01 25.66 4.78
N ALA A 198 -23.43 26.16 3.60
CA ALA A 198 -24.23 25.35 2.69
C ALA A 198 -23.42 24.19 2.12
N LEU A 199 -22.14 24.43 1.82
CA LEU A 199 -21.28 23.36 1.33
C LEU A 199 -20.96 22.36 2.42
N ARG A 200 -20.81 22.83 3.66
CA ARG A 200 -20.37 21.96 4.75
C ARG A 200 -21.35 20.82 4.99
N GLY A 201 -22.63 21.03 4.71
CA GLY A 201 -23.60 19.96 4.88
C GLY A 201 -23.35 18.79 3.95
N ARG A 202 -23.09 19.08 2.67
CA ARG A 202 -22.88 18.02 1.69
C ARG A 202 -21.51 17.38 1.82
N LEU A 203 -20.48 18.16 2.15
CA LEU A 203 -19.14 17.62 2.26
C LEU A 203 -19.02 16.65 3.43
N PHE A 204 -19.56 17.02 4.59
CA PHE A 204 -19.42 16.21 5.79
C PHE A 204 -20.20 14.90 5.72
N PHE A 205 -21.06 14.74 4.72
CA PHE A 205 -21.80 13.49 4.53
C PHE A 205 -20.87 12.36 4.14
N PRO B 2 18.23 -5.84 -8.36
CA PRO B 2 18.42 -4.57 -7.65
C PRO B 2 18.88 -4.75 -6.22
N ILE B 3 19.06 -3.65 -5.50
CA ILE B 3 19.45 -3.67 -4.10
C ILE B 3 18.34 -3.01 -3.29
N ALA B 4 17.89 -3.68 -2.24
CA ALA B 4 16.85 -3.18 -1.36
C ALA B 4 17.44 -2.85 0.00
N LEU B 5 17.03 -1.71 0.56
CA LEU B 5 17.52 -1.24 1.84
C LEU B 5 16.38 -1.25 2.85
N THR B 6 16.61 -1.90 3.99
CA THR B 6 15.71 -1.86 5.13
C THR B 6 16.52 -1.61 6.39
N VAL B 7 15.85 -1.08 7.41
CA VAL B 7 16.47 -0.77 8.70
C VAL B 7 15.73 -1.54 9.78
N VAL B 8 16.49 -2.26 10.60
CA VAL B 8 15.90 -3.04 11.69
C VAL B 8 16.72 -2.79 12.96
N PRO B 9 16.11 -3.02 14.13
CA PRO B 9 16.86 -2.91 15.37
C PRO B 9 18.00 -3.91 15.40
N PRO B 10 19.09 -3.59 16.11
CA PRO B 10 20.30 -4.42 16.01
C PRO B 10 20.11 -5.86 16.46
N GLU B 11 19.12 -6.13 17.31
CA GLU B 11 18.97 -7.48 17.86
C GLU B 11 18.40 -8.45 16.83
N GLU B 12 17.43 -8.01 16.04
CA GLU B 12 16.75 -8.88 15.09
C GLU B 12 17.33 -8.78 13.68
N ALA B 13 18.60 -8.39 13.57
CA ALA B 13 19.23 -8.24 12.25
C ALA B 13 19.60 -9.59 11.65
N GLU B 14 20.50 -10.32 12.32
CA GLU B 14 20.89 -11.63 11.82
C GLU B 14 19.75 -12.63 11.75
N PRO B 15 18.86 -12.76 12.74
CA PRO B 15 17.71 -13.68 12.58
C PRO B 15 16.89 -13.39 11.34
N LEU B 16 16.62 -12.11 11.06
CA LEU B 16 15.85 -11.77 9.87
C LEU B 16 16.64 -12.06 8.59
N ALA B 17 17.93 -11.76 8.60
CA ALA B 17 18.76 -11.95 7.42
C ALA B 17 18.90 -13.43 7.08
N ARG B 18 19.19 -14.26 8.09
CA ARG B 18 19.32 -15.70 7.87
C ARG B 18 18.01 -16.30 7.39
N GLU B 19 16.90 -15.92 8.02
CA GLU B 19 15.60 -16.43 7.62
C GLU B 19 15.20 -15.95 6.24
N LEU B 20 15.71 -14.79 5.82
CA LEU B 20 15.43 -14.26 4.48
C LEU B 20 16.21 -15.00 3.41
N VAL B 21 17.44 -15.41 3.71
CA VAL B 21 18.28 -16.10 2.74
C VAL B 21 17.91 -17.57 2.66
N GLU B 22 17.77 -18.23 3.82
CA GLU B 22 17.49 -19.66 3.83
C GLU B 22 16.11 -19.99 3.29
N ALA B 23 15.21 -19.02 3.19
CA ALA B 23 13.91 -19.20 2.57
C ALA B 23 13.92 -18.93 1.07
N GLY B 24 15.07 -18.54 0.52
CA GLY B 24 15.19 -18.29 -0.90
C GLY B 24 14.63 -16.97 -1.39
N LEU B 25 14.33 -16.04 -0.49
CA LEU B 25 13.80 -14.74 -0.89
C LEU B 25 14.88 -13.75 -1.31
N ALA B 26 16.14 -14.05 -1.00
CA ALA B 26 17.25 -13.17 -1.35
C ALA B 26 18.49 -14.01 -1.52
N ALA B 27 19.31 -13.66 -2.51
CA ALA B 27 20.55 -14.38 -2.75
C ALA B 27 21.62 -14.04 -1.71
N GLU B 28 21.61 -12.81 -1.19
CA GLU B 28 22.72 -12.33 -0.38
C GLU B 28 22.25 -11.12 0.44
N VAL B 29 22.78 -11.01 1.65
CA VAL B 29 22.46 -9.90 2.55
C VAL B 29 23.76 -9.41 3.18
N LEU B 30 23.98 -8.09 3.19
CA LEU B 30 25.07 -7.46 3.91
C LEU B 30 24.51 -6.59 5.02
N LEU B 31 25.13 -6.66 6.20
CA LEU B 31 24.65 -5.98 7.39
C LEU B 31 25.64 -4.92 7.83
N VAL B 32 25.15 -3.69 7.99
CA VAL B 32 25.98 -2.54 8.38
C VAL B 32 25.38 -1.91 9.63
N PRO B 33 26.16 -1.74 10.71
CA PRO B 33 25.66 -1.00 11.87
C PRO B 33 25.74 0.50 11.64
N VAL B 34 24.58 1.15 11.53
CA VAL B 34 24.53 2.59 11.30
C VAL B 34 23.94 3.27 12.52
N ARG B 35 23.89 4.60 12.48
CA ARG B 35 23.35 5.41 13.56
C ARG B 35 22.28 6.31 12.97
N ARG B 36 21.09 6.27 13.54
CA ARG B 36 19.89 6.80 12.91
C ARG B 36 19.42 8.06 13.63
N ILE B 37 19.15 9.11 12.86
CA ILE B 37 18.64 10.38 13.37
C ILE B 37 17.32 10.66 12.67
N TYR B 38 16.24 10.74 13.45
CA TYR B 38 14.90 10.86 12.91
C TYR B 38 14.07 11.72 13.86
N ARG B 39 12.91 12.15 13.37
CA ARG B 39 12.01 13.02 14.13
C ARG B 39 10.85 12.20 14.66
N GLU B 40 10.69 12.17 15.98
CA GLU B 40 9.58 11.47 16.63
C GLU B 40 8.84 12.47 17.51
N LYS B 41 7.55 12.64 17.23
CA LYS B 41 6.69 13.58 17.97
C LYS B 41 7.27 15.00 17.96
N GLY B 42 7.82 15.40 16.81
CA GLY B 42 8.35 16.74 16.68
C GLY B 42 9.68 16.99 17.37
N LYS B 43 10.32 15.95 17.88
CA LYS B 43 11.61 16.07 18.56
C LYS B 43 12.62 15.15 17.88
N VAL B 44 13.83 15.65 17.71
CA VAL B 44 14.88 14.89 17.04
C VAL B 44 15.40 13.83 18.00
N ARG B 45 15.28 12.56 17.61
CA ARG B 45 15.72 11.43 18.41
C ARG B 45 17.00 10.86 17.81
N GLU B 46 17.47 9.76 18.40
CA GLU B 46 18.77 9.21 18.04
C GLU B 46 18.81 7.76 18.52
N GLU B 47 18.97 6.82 17.59
CA GLU B 47 18.97 5.41 17.94
C GLU B 47 19.96 4.66 17.07
N GLU B 48 20.39 3.50 17.57
CA GLU B 48 21.31 2.62 16.86
C GLU B 48 20.52 1.50 16.21
N VAL B 49 20.74 1.29 14.91
CA VAL B 49 20.02 0.29 14.13
C VAL B 49 21.03 -0.44 13.25
N THR B 50 20.52 -1.34 12.41
CA THR B 50 21.33 -2.08 11.44
C THR B 50 20.72 -1.90 10.06
N LEU B 51 21.56 -1.55 9.09
CA LEU B 51 21.13 -1.36 7.71
C LEU B 51 21.37 -2.64 6.93
N LEU B 52 20.34 -3.10 6.23
CA LEU B 52 20.37 -4.34 5.47
C LEU B 52 20.43 -4.02 3.98
N LEU B 53 21.45 -4.52 3.30
CA LEU B 53 21.59 -4.41 1.85
C LEU B 53 21.29 -5.77 1.26
N ILE B 54 20.15 -5.89 0.59
CA ILE B 54 19.63 -7.16 0.11
C ILE B 54 19.81 -7.24 -1.40
N LEU B 55 20.47 -8.30 -1.86
CA LEU B 55 20.69 -8.54 -3.27
C LEU B 55 19.66 -9.54 -3.77
N VAL B 56 18.72 -9.06 -4.57
CA VAL B 56 17.61 -9.87 -5.07
C VAL B 56 17.45 -9.59 -6.55
N SER B 57 16.81 -10.52 -7.26
CA SER B 57 16.57 -10.36 -8.68
C SER B 57 15.33 -9.49 -8.92
N ARG B 58 15.15 -9.09 -10.18
CA ARG B 58 14.02 -8.24 -10.52
C ARG B 58 12.68 -8.94 -10.38
N GLU B 59 12.68 -10.28 -10.36
CA GLU B 59 11.44 -11.04 -10.24
C GLU B 59 11.08 -11.34 -8.79
N GLY B 60 12.06 -11.38 -7.90
CA GLY B 60 11.81 -11.64 -6.50
C GLY B 60 11.51 -10.43 -5.65
N VAL B 61 11.47 -9.25 -6.25
CA VAL B 61 11.20 -8.01 -5.52
C VAL B 61 9.78 -7.99 -4.97
N PRO B 62 8.73 -8.27 -5.77
CA PRO B 62 7.37 -8.22 -5.20
C PRO B 62 7.15 -9.19 -4.06
N ALA B 63 7.74 -10.39 -4.12
CA ALA B 63 7.64 -11.32 -3.00
C ALA B 63 8.39 -10.81 -1.78
N LEU B 64 9.52 -10.14 -2.00
CA LEU B 64 10.31 -9.62 -0.89
C LEU B 64 9.60 -8.47 -0.19
N ARG B 65 9.02 -7.55 -0.96
CA ARG B 65 8.31 -6.42 -0.36
C ARG B 65 7.11 -6.88 0.44
N ALA B 66 6.33 -7.82 -0.13
CA ALA B 66 5.17 -8.35 0.58
C ALA B 66 5.59 -9.09 1.83
N TRP B 67 6.69 -9.84 1.76
CA TRP B 67 7.18 -10.57 2.93
C TRP B 67 7.69 -9.61 4.00
N ILE B 68 8.18 -8.43 3.62
CA ILE B 68 8.80 -7.53 4.58
C ILE B 68 7.73 -6.79 5.38
N GLU B 69 6.79 -6.15 4.70
CA GLU B 69 5.83 -5.31 5.42
C GLU B 69 4.70 -6.11 6.06
N ALA B 70 4.56 -7.38 5.69
CA ALA B 70 3.66 -8.28 6.40
C ALA B 70 4.29 -8.83 7.68
N ARG B 71 5.56 -8.52 7.94
CA ARG B 71 6.23 -8.98 9.14
C ARG B 71 7.06 -7.91 9.83
N HIS B 72 7.14 -6.70 9.26
CA HIS B 72 7.99 -5.68 9.83
C HIS B 72 7.38 -5.16 11.13
N PRO B 73 8.19 -4.93 12.16
CA PRO B 73 7.66 -4.51 13.47
C PRO B 73 6.99 -3.14 13.44
N ASP B 74 7.69 -2.13 12.91
CA ASP B 74 7.22 -0.77 13.04
C ASP B 74 6.06 -0.48 12.08
N ASP B 75 5.43 0.67 12.30
CA ASP B 75 4.20 0.99 11.59
C ASP B 75 4.45 1.29 10.12
N ILE B 76 5.53 2.00 9.81
CA ILE B 76 5.90 2.33 8.45
C ILE B 76 7.28 1.75 8.17
N PRO B 77 7.35 0.59 7.51
CA PRO B 77 8.66 -0.02 7.26
C PRO B 77 9.45 0.72 6.20
N LEU B 78 10.77 0.75 6.40
CA LEU B 78 11.69 1.30 5.40
C LEU B 78 11.97 0.24 4.35
N PHE B 79 11.65 0.54 3.09
CA PHE B 79 11.93 -0.37 1.99
C PHE B 79 12.17 0.47 0.75
N ILE B 80 13.44 0.65 0.39
CA ILE B 80 13.85 1.43 -0.76
C ILE B 80 14.60 0.52 -1.71
N VAL B 81 14.26 0.58 -2.99
CA VAL B 81 14.89 -0.23 -4.02
C VAL B 81 15.75 0.70 -4.89
N LEU B 82 17.01 0.34 -5.05
CA LEU B 82 17.97 1.14 -5.81
C LEU B 82 18.08 0.60 -7.22
N ALA B 83 18.04 1.50 -8.20
CA ALA B 83 18.22 1.10 -9.58
C ALA B 83 19.67 0.73 -9.85
N VAL B 84 19.88 -0.42 -10.48
CA VAL B 84 21.22 -0.93 -10.77
C VAL B 84 21.43 -0.86 -12.27
N ASP B 85 22.55 -0.28 -12.68
CA ASP B 85 22.90 -0.16 -14.09
C ASP B 85 23.48 -1.50 -14.54
N GLU B 86 22.64 -2.29 -15.22
CA GLU B 86 22.99 -3.68 -15.53
C GLU B 86 23.98 -3.82 -16.68
N GLU B 87 24.11 -2.81 -17.54
CA GLU B 87 24.97 -2.95 -18.70
C GLU B 87 26.44 -2.81 -18.32
N ALA B 88 26.76 -2.08 -17.25
CA ALA B 88 28.12 -1.93 -16.79
C ALA B 88 28.48 -2.83 -15.63
N SER B 89 27.54 -3.63 -15.13
CA SER B 89 27.80 -4.52 -14.02
C SER B 89 28.30 -5.87 -14.52
N ASN B 90 28.87 -6.64 -13.61
CA ASN B 90 29.25 -8.01 -13.90
C ASN B 90 28.01 -8.84 -14.23
N LYS B 91 27.93 -9.32 -15.47
CA LYS B 91 26.74 -10.07 -15.89
C LYS B 91 26.70 -11.48 -15.32
N ARG B 92 27.86 -12.06 -15.00
CA ARG B 92 27.85 -13.39 -14.41
C ARG B 92 27.40 -13.36 -12.96
N TYR B 93 27.61 -12.24 -12.26
CA TYR B 93 27.04 -12.11 -10.92
C TYR B 93 25.54 -11.87 -10.98
N LEU B 94 25.05 -11.14 -11.98
CA LEU B 94 23.61 -10.95 -12.12
C LEU B 94 22.92 -12.28 -12.40
N GLY B 95 23.58 -13.17 -13.12
CA GLY B 95 23.06 -14.51 -13.28
C GLY B 95 23.07 -15.30 -11.99
N TYR B 96 24.10 -15.13 -11.18
CA TYR B 96 24.14 -15.76 -9.86
C TYR B 96 23.01 -15.26 -8.97
N ILE B 97 22.73 -13.95 -9.02
CA ILE B 97 21.65 -13.39 -8.23
C ILE B 97 20.30 -13.96 -8.68
N ALA B 98 20.09 -14.06 -9.99
CA ALA B 98 18.82 -14.56 -10.50
C ALA B 98 18.62 -16.03 -10.21
N ALA B 99 19.69 -16.83 -10.24
CA ALA B 99 19.56 -18.26 -9.99
C ALA B 99 19.39 -18.59 -8.52
N GLU B 100 20.02 -17.83 -7.63
CA GLU B 100 19.93 -18.10 -6.20
C GLU B 100 18.69 -17.49 -5.56
N THR B 101 17.88 -16.75 -6.32
CA THR B 101 16.61 -16.24 -5.83
C THR B 101 15.53 -17.22 -6.25
N HIS B 102 15.33 -18.26 -5.44
CA HIS B 102 14.37 -19.31 -5.77
C HIS B 102 12.96 -18.74 -5.79
N LEU B 103 12.30 -18.86 -6.94
CA LEU B 103 10.95 -18.30 -7.08
C LEU B 103 9.97 -19.01 -6.15
N TYR B 104 10.06 -20.34 -6.07
CA TYR B 104 9.19 -21.14 -5.22
C TYR B 104 7.70 -20.88 -5.49
#